data_117D
# 
_entry.id   117D 
# 
_audit_conform.dict_name       mmcif_pdbx.dic 
_audit_conform.dict_version    5.367 
_audit_conform.dict_location   http://mmcif.pdb.org/dictionaries/ascii/mmcif_pdbx.dic 
# 
loop_
_database_2.database_id 
_database_2.database_code 
_database_2.pdbx_database_accession 
_database_2.pdbx_DOI 
PDB   117D         pdb_0000117d 10.2210/pdb117d/pdb 
RCSB  ADL046       ?            ?                   
WWPDB D_1000170044 ?            ?                   
# 
_pdbx_database_status.status_code                     REL 
_pdbx_database_status.entry_id                        117D 
_pdbx_database_status.recvd_initial_deposition_date   1993-02-10 
_pdbx_database_status.deposit_site                    BNL 
_pdbx_database_status.process_site                    NDB 
_pdbx_database_status.status_code_sf                  REL 
_pdbx_database_status.status_code_mr                  ? 
_pdbx_database_status.SG_entry                        ? 
_pdbx_database_status.pdb_format_compatible           Y 
_pdbx_database_status.status_code_cs                  ? 
_pdbx_database_status.status_code_nmr_data            ? 
_pdbx_database_status.methods_development_category    ? 
# 
loop_
_audit_author.name 
_audit_author.pdbx_ordinal 
_audit_author.identifier_ORCID 
'Bingman, C.A.'     1 ? 
'Jain, S.'          2 ? 
'Zon, G.'           3 ? 
'Sundaralingam, M.' 4 ? 
# 
loop_
_citation.id 
_citation.title 
_citation.journal_abbrev 
_citation.journal_volume 
_citation.page_first 
_citation.page_last 
_citation.year 
_citation.journal_id_ASTM 
_citation.country 
_citation.journal_id_ISSN 
_citation.journal_id_CSD 
_citation.book_publisher 
_citation.pdbx_database_id_PubMed 
_citation.pdbx_database_id_DOI 
primary 
;Crystal and molecular structure of the alternating dodecamer d(GCGTACGTACGC) in the A-DNA form: comparison with the isomorphous non-alternating dodecamer d(CCGTACGTACGG).
;
'Nucleic Acids Res.' 20  6637 6647 1992 NARHAD UK 0305-1048 0389 ? 1480485 10.1093/nar/20.24.6637 
1       'Crystal and Molecular Structure of the A-DNA Dodecamer d(CCGTACGTACGG): Choice of Fragment Helical Axis' J.Mol.Biol. 227 
738  756  1992 JMOBAK UK 0022-2836 0070 ? ?       ?                      
# 
loop_
_citation_author.citation_id 
_citation_author.name 
_citation_author.ordinal 
_citation_author.identifier_ORCID 
primary 'Bingman, C.A.'     1 ? 
primary 'Jain, S.'          2 ? 
primary 'Zon, G.'           3 ? 
primary 'Sundaralingam, M.' 4 ? 
1       'Bingman, C.A.'     5 ? 
1       'Zon, G.'           6 ? 
1       'Sundaralingam, M.' 7 ? 
# 
_cell.entry_id           117D 
_cell.length_a           46.200 
_cell.length_b           46.200 
_cell.length_c           71.500 
_cell.angle_alpha        90.00 
_cell.angle_beta         90.00 
_cell.angle_gamma        120.00 
_cell.Z_PDB              12 
_cell.pdbx_unique_axis   ? 
# 
_symmetry.entry_id                         117D 
_symmetry.space_group_name_H-M             'P 61 2 2' 
_symmetry.pdbx_full_space_group_name_H-M   ? 
_symmetry.cell_setting                     ? 
_symmetry.Int_Tables_number                178 
# 
loop_
_entity.id 
_entity.type 
_entity.src_method 
_entity.pdbx_description 
_entity.formula_weight 
_entity.pdbx_number_of_molecules 
_entity.pdbx_ec 
_entity.pdbx_mutation 
_entity.pdbx_fragment 
_entity.details 
1 polymer syn 
;DNA (5'-D(*GP*CP*GP*TP*AP*CP*GP*TP*AP*CP*GP*C)-3')
;
3663.392 1  ? ? ? ? 
2 water   nat water                                                18.015   33 ? ? ? ? 
# 
_entity_poly.entity_id                      1 
_entity_poly.type                           polydeoxyribonucleotide 
_entity_poly.nstd_linkage                   no 
_entity_poly.nstd_monomer                   no 
_entity_poly.pdbx_seq_one_letter_code       '(DG)(DC)(DG)(DT)(DA)(DC)(DG)(DT)(DA)(DC)(DG)(DC)' 
_entity_poly.pdbx_seq_one_letter_code_can   GCGTACGTACGC 
_entity_poly.pdbx_strand_id                 A 
_entity_poly.pdbx_target_identifier         ? 
# 
loop_
_entity_poly_seq.entity_id 
_entity_poly_seq.num 
_entity_poly_seq.mon_id 
_entity_poly_seq.hetero 
1 1  DG n 
1 2  DC n 
1 3  DG n 
1 4  DT n 
1 5  DA n 
1 6  DC n 
1 7  DG n 
1 8  DT n 
1 9  DA n 
1 10 DC n 
1 11 DG n 
1 12 DC n 
# 
_struct_ref.id                         1 
_struct_ref.entity_id                  1 
_struct_ref.db_name                    PDB 
_struct_ref.db_code                    117D 
_struct_ref.pdbx_db_accession          117D 
_struct_ref.pdbx_db_isoform            ? 
_struct_ref.pdbx_seq_one_letter_code   ? 
_struct_ref.pdbx_align_begin           ? 
# 
_struct_ref_seq.align_id                      1 
_struct_ref_seq.ref_id                        1 
_struct_ref_seq.pdbx_PDB_id_code              117D 
_struct_ref_seq.pdbx_strand_id                A 
_struct_ref_seq.seq_align_beg                 1 
_struct_ref_seq.pdbx_seq_align_beg_ins_code   ? 
_struct_ref_seq.seq_align_end                 12 
_struct_ref_seq.pdbx_seq_align_end_ins_code   ? 
_struct_ref_seq.pdbx_db_accession             117D 
_struct_ref_seq.db_align_beg                  1 
_struct_ref_seq.pdbx_db_align_beg_ins_code    ? 
_struct_ref_seq.db_align_end                  12 
_struct_ref_seq.pdbx_db_align_end_ins_code    ? 
_struct_ref_seq.pdbx_auth_seq_align_beg       1 
_struct_ref_seq.pdbx_auth_seq_align_end       12 
# 
loop_
_chem_comp.id 
_chem_comp.type 
_chem_comp.mon_nstd_flag 
_chem_comp.name 
_chem_comp.pdbx_synonyms 
_chem_comp.formula 
_chem_comp.formula_weight 
DA  'DNA linking' y "2'-DEOXYADENOSINE-5'-MONOPHOSPHATE" ? 'C10 H14 N5 O6 P' 331.222 
DC  'DNA linking' y "2'-DEOXYCYTIDINE-5'-MONOPHOSPHATE"  ? 'C9 H14 N3 O7 P'  307.197 
DG  'DNA linking' y "2'-DEOXYGUANOSINE-5'-MONOPHOSPHATE" ? 'C10 H14 N5 O7 P' 347.221 
DT  'DNA linking' y "THYMIDINE-5'-MONOPHOSPHATE"         ? 'C10 H15 N2 O8 P' 322.208 
HOH non-polymer   . WATER                                ? 'H2 O'            18.015  
# 
_exptl.entry_id          117D 
_exptl.method            'X-RAY DIFFRACTION' 
_exptl.crystals_number   ? 
# 
_exptl_crystal.id                    1 
_exptl_crystal.density_meas          ? 
_exptl_crystal.density_Matthews      3.01 
_exptl_crystal.density_percent_sol   59.09 
_exptl_crystal.description           ? 
# 
_exptl_crystal_grow.crystal_id      1 
_exptl_crystal_grow.method          'VAPOR DIFFUSION' 
_exptl_crystal_grow.temp            277.00 
_exptl_crystal_grow.temp_details    ? 
_exptl_crystal_grow.pH              6.50 
_exptl_crystal_grow.pdbx_details    'pH 6.50, VAPOR DIFFUSION, temperature 277.00K' 
_exptl_crystal_grow.pdbx_pH_range   ? 
# 
loop_
_exptl_crystal_grow_comp.crystal_id 
_exptl_crystal_grow_comp.id 
_exptl_crystal_grow_comp.sol_id 
_exptl_crystal_grow_comp.name 
_exptl_crystal_grow_comp.volume 
_exptl_crystal_grow_comp.conc 
_exptl_crystal_grow_comp.details 
1 1 1 WATER           ? ? ? 
1 2 1 SPERMINE        ? ? ? 
1 3 1 '[CO(NH3)6]3+'  ? ? ? 
1 4 1 'NA CACODYLATE' ? ? ? 
1 5 2 WATER           ? ? ? 
1 6 2 PROPANOL        ? ? ? 
# 
_diffrn.id                     1 
_diffrn.crystal_id             1 
_diffrn.ambient_temp           ? 
_diffrn.ambient_temp_details   ? 
# 
_diffrn_detector.diffrn_id              1 
_diffrn_detector.detector               'OSCILLATION CAMERA' 
_diffrn_detector.type                   ? 
_diffrn_detector.pdbx_collection_date   ? 
_diffrn_detector.details                ? 
# 
_diffrn_radiation.diffrn_id                        1 
_diffrn_radiation.wavelength_id                    1 
_diffrn_radiation.pdbx_monochromatic_or_laue_m_l   ? 
_diffrn_radiation.monochromator                    ? 
_diffrn_radiation.pdbx_diffrn_protocol             ? 
_diffrn_radiation.pdbx_scattering_type             x-ray 
# 
_diffrn_radiation_wavelength.id           1 
_diffrn_radiation_wavelength.wavelength   . 
_diffrn_radiation_wavelength.wt           1.0 
# 
_diffrn_source.diffrn_id                   1 
_diffrn_source.source                      'ROTATING ANODE' 
_diffrn_source.type                        'ELLIOTT GX-6' 
_diffrn_source.pdbx_synchrotron_site       ? 
_diffrn_source.pdbx_synchrotron_beamline   ? 
_diffrn_source.pdbx_wavelength             ? 
_diffrn_source.pdbx_wavelength_list        ? 
# 
_reflns.entry_id                     117D 
_reflns.observed_criterion_sigma_I   2.000 
_reflns.observed_criterion_sigma_F   ? 
_reflns.d_resolution_low             ? 
_reflns.d_resolution_high            2.550 
_reflns.number_obs                   1115 
_reflns.number_all                   2008 
_reflns.percent_possible_obs         ? 
_reflns.pdbx_Rmerge_I_obs            ? 
_reflns.pdbx_Rsym_value              ? 
_reflns.pdbx_netI_over_sigmaI        ? 
_reflns.B_iso_Wilson_estimate        ? 
_reflns.pdbx_redundancy              ? 
_reflns.pdbx_diffrn_id               1 
_reflns.pdbx_ordinal                 1 
_reflns.pdbx_CC_half                 ? 
_reflns.pdbx_CC_star                 ? 
_reflns.pdbx_Rpim_I_all              ? 
_reflns.pdbx_Rrim_I_all              ? 
# 
_refine.entry_id                                 117D 
_refine.ls_number_reflns_obs                     1089 
_refine.ls_number_reflns_all                     ? 
_refine.pdbx_ls_sigma_I                          ? 
_refine.pdbx_ls_sigma_F                          2.000 
_refine.pdbx_data_cutoff_high_absF               ? 
_refine.pdbx_data_cutoff_low_absF                ? 
_refine.pdbx_data_cutoff_high_rms_absF           ? 
_refine.ls_d_res_low                             8.000 
_refine.ls_d_res_high                            2.550 
_refine.ls_percent_reflns_obs                    ? 
_refine.ls_R_factor_obs                          0.1420000 
_refine.ls_R_factor_all                          ? 
_refine.ls_R_factor_R_work                       ? 
_refine.ls_R_factor_R_free                       ? 
_refine.ls_R_factor_R_free_error                 ? 
_refine.ls_R_factor_R_free_error_details         ? 
_refine.ls_percent_reflns_R_free                 ? 
_refine.ls_number_reflns_R_free                  ? 
_refine.ls_number_parameters                     ? 
_refine.ls_number_restraints                     ? 
_refine.occupancy_min                            ? 
_refine.occupancy_max                            ? 
_refine.B_iso_mean                               ? 
_refine.aniso_B[1][1]                            ? 
_refine.aniso_B[2][2]                            ? 
_refine.aniso_B[3][3]                            ? 
_refine.aniso_B[1][2]                            ? 
_refine.aniso_B[1][3]                            ? 
_refine.aniso_B[2][3]                            ? 
_refine.solvent_model_details                    ? 
_refine.solvent_model_param_ksol                 ? 
_refine.solvent_model_param_bsol                 ? 
_refine.pdbx_ls_cross_valid_method               ? 
_refine.details                                  ? 
_refine.pdbx_starting_model                      ? 
_refine.pdbx_method_to_determine_struct          ? 
_refine.pdbx_isotropic_thermal_model             ? 
_refine.pdbx_stereochemistry_target_values       ? 
_refine.pdbx_stereochem_target_val_spec_case     ? 
_refine.pdbx_R_Free_selection_details            ? 
_refine.pdbx_overall_ESU_R                       ? 
_refine.pdbx_overall_ESU_R_Free                  ? 
_refine.overall_SU_ML                            ? 
_refine.overall_SU_B                             ? 
_refine.pdbx_refine_id                           'X-RAY DIFFRACTION' 
_refine.pdbx_diffrn_id                           1 
_refine.pdbx_TLS_residual_ADP_flag               ? 
_refine.correlation_coeff_Fo_to_Fc               ? 
_refine.correlation_coeff_Fo_to_Fc_free          ? 
_refine.pdbx_solvent_vdw_probe_radii             ? 
_refine.pdbx_solvent_ion_probe_radii             ? 
_refine.pdbx_solvent_shrinkage_radii             ? 
_refine.pdbx_overall_phase_error                 ? 
_refine.overall_SU_R_Cruickshank_DPI             ? 
_refine.pdbx_overall_SU_R_free_Cruickshank_DPI   ? 
_refine.pdbx_overall_SU_R_Blow_DPI               ? 
_refine.pdbx_overall_SU_R_free_Blow_DPI          ? 
# 
_refine_hist.pdbx_refine_id                   'X-RAY DIFFRACTION' 
_refine_hist.cycle_id                         LAST 
_refine_hist.pdbx_number_atoms_protein        0 
_refine_hist.pdbx_number_atoms_nucleic_acid   243 
_refine_hist.pdbx_number_atoms_ligand         0 
_refine_hist.number_atoms_solvent             33 
_refine_hist.number_atoms_total               276 
_refine_hist.d_res_high                       2.550 
_refine_hist.d_res_low                        8.000 
# 
loop_
_refine_ls_restr.type 
_refine_ls_restr.dev_ideal 
_refine_ls_restr.dev_ideal_target 
_refine_ls_restr.weight 
_refine_ls_restr.number 
_refine_ls_restr.pdbx_refine_id 
_refine_ls_restr.pdbx_restraint_function 
n_bond_d               ?     ?     ? ? 'X-RAY DIFFRACTION' ? 
n_angle_d              ?     ?     ? ? 'X-RAY DIFFRACTION' ? 
n_planar_d             ?     ?     ? ? 'X-RAY DIFFRACTION' ? 
n_hb_or_metal_coord    ?     ?     ? ? 'X-RAY DIFFRACTION' ? 
n_sugar_bond_it        2.400 3.000 ? ? 'X-RAY DIFFRACTION' ? 
n_sugar_angle_it       3.300 4.500 ? ? 'X-RAY DIFFRACTION' ? 
n_phos_bond_it         3.100 3.000 ? ? 'X-RAY DIFFRACTION' ? 
n_phos_angle_it        3.900 4.500 ? ? 'X-RAY DIFFRACTION' ? 
n_bond_angle_restr     ?     ?     ? ? 'X-RAY DIFFRACTION' ? 
n_dihedral_angle_restr ?     ?     ? ? 'X-RAY DIFFRACTION' ? 
n_impr_tor             ?     ?     ? ? 'X-RAY DIFFRACTION' ? 
n_sugar_bond_d         0.006 0.025 ? ? 'X-RAY DIFFRACTION' ? 
n_sugar_bond_angle_d   0.020 0.050 ? ? 'X-RAY DIFFRACTION' ? 
n_phos_bond_d          0.024 0.050 ? ? 'X-RAY DIFFRACTION' ? 
n_phos_bond_angle_d    0.045 0.075 ? ? 'X-RAY DIFFRACTION' ? 
n_plane_restr          0.015 0.040 ? ? 'X-RAY DIFFRACTION' ? 
n_chiral_restr         0.048 0.100 ? ? 'X-RAY DIFFRACTION' ? 
n_singtor_nbd          0.146 0.090 ? ? 'X-RAY DIFFRACTION' ? 
n_multtor_nbd          0.111 0.090 ? ? 'X-RAY DIFFRACTION' ? 
n_xhyhbond_nbd         ?     ?     ? ? 'X-RAY DIFFRACTION' ? 
# 
_struct.entry_id                  117D 
_struct.title                     
;CRYSTAL AND MOLECULAR STRUCTURE OF THE ALTERNATING DODECAMER D(GCGTACGTACGC) IN THE A-DNA FORM: COMPARISON WITH THE ISOMORPHOUS NON-ALTERNATING DODECAMER D(CCGTACGTACGG)
;
_struct.pdbx_model_details        ? 
_struct.pdbx_CASP_flag            ? 
_struct.pdbx_model_type_details   ? 
# 
_struct_keywords.entry_id        117D 
_struct_keywords.pdbx_keywords   DNA 
_struct_keywords.text            'A-DNA, DOUBLE HELIX, DNA' 
# 
loop_
_struct_asym.id 
_struct_asym.pdbx_blank_PDB_chainid_flag 
_struct_asym.pdbx_modified 
_struct_asym.entity_id 
_struct_asym.details 
A N N 1 ? 
B N N 2 ? 
# 
loop_
_struct_conn.id 
_struct_conn.conn_type_id 
_struct_conn.pdbx_leaving_atom_flag 
_struct_conn.pdbx_PDB_id 
_struct_conn.ptnr1_label_asym_id 
_struct_conn.ptnr1_label_comp_id 
_struct_conn.ptnr1_label_seq_id 
_struct_conn.ptnr1_label_atom_id 
_struct_conn.pdbx_ptnr1_label_alt_id 
_struct_conn.pdbx_ptnr1_PDB_ins_code 
_struct_conn.pdbx_ptnr1_standard_comp_id 
_struct_conn.ptnr1_symmetry 
_struct_conn.ptnr2_label_asym_id 
_struct_conn.ptnr2_label_comp_id 
_struct_conn.ptnr2_label_seq_id 
_struct_conn.ptnr2_label_atom_id 
_struct_conn.pdbx_ptnr2_label_alt_id 
_struct_conn.pdbx_ptnr2_PDB_ins_code 
_struct_conn.ptnr1_auth_asym_id 
_struct_conn.ptnr1_auth_comp_id 
_struct_conn.ptnr1_auth_seq_id 
_struct_conn.ptnr2_auth_asym_id 
_struct_conn.ptnr2_auth_comp_id 
_struct_conn.ptnr2_auth_seq_id 
_struct_conn.ptnr2_symmetry 
_struct_conn.pdbx_ptnr3_label_atom_id 
_struct_conn.pdbx_ptnr3_label_seq_id 
_struct_conn.pdbx_ptnr3_label_comp_id 
_struct_conn.pdbx_ptnr3_label_asym_id 
_struct_conn.pdbx_ptnr3_label_alt_id 
_struct_conn.pdbx_ptnr3_PDB_ins_code 
_struct_conn.details 
_struct_conn.pdbx_dist_value 
_struct_conn.pdbx_value_order 
_struct_conn.pdbx_role 
hydrog1  hydrog ? ? A DG 1  N1 ? ? ? 1_555 A DC 12 N3 ? ? A DG 1  A DC 12 12_565 ? ? ? ? ? ? WATSON-CRICK ? ? ? 
hydrog2  hydrog ? ? A DG 1  N2 ? ? ? 1_555 A DC 12 O2 ? ? A DG 1  A DC 12 12_565 ? ? ? ? ? ? WATSON-CRICK ? ? ? 
hydrog3  hydrog ? ? A DG 1  O6 ? ? ? 1_555 A DC 12 N4 ? ? A DG 1  A DC 12 12_565 ? ? ? ? ? ? WATSON-CRICK ? ? ? 
hydrog4  hydrog ? ? A DC 2  N3 ? ? ? 1_555 A DG 11 N1 ? ? A DC 2  A DG 11 12_565 ? ? ? ? ? ? WATSON-CRICK ? ? ? 
hydrog5  hydrog ? ? A DC 2  N4 ? ? ? 1_555 A DG 11 O6 ? ? A DC 2  A DG 11 12_565 ? ? ? ? ? ? WATSON-CRICK ? ? ? 
hydrog6  hydrog ? ? A DC 2  O2 ? ? ? 1_555 A DG 11 N2 ? ? A DC 2  A DG 11 12_565 ? ? ? ? ? ? WATSON-CRICK ? ? ? 
hydrog7  hydrog ? ? A DG 3  N1 ? ? ? 1_555 A DC 10 N3 ? ? A DG 3  A DC 10 12_565 ? ? ? ? ? ? WATSON-CRICK ? ? ? 
hydrog8  hydrog ? ? A DG 3  N2 ? ? ? 1_555 A DC 10 O2 ? ? A DG 3  A DC 10 12_565 ? ? ? ? ? ? WATSON-CRICK ? ? ? 
hydrog9  hydrog ? ? A DG 3  O6 ? ? ? 1_555 A DC 10 N4 ? ? A DG 3  A DC 10 12_565 ? ? ? ? ? ? WATSON-CRICK ? ? ? 
hydrog10 hydrog ? ? A DT 4  N3 ? ? ? 1_555 A DA 9  N1 ? ? A DT 4  A DA 9  12_565 ? ? ? ? ? ? WATSON-CRICK ? ? ? 
hydrog11 hydrog ? ? A DT 4  O4 ? ? ? 1_555 A DA 9  N6 ? ? A DT 4  A DA 9  12_565 ? ? ? ? ? ? WATSON-CRICK ? ? ? 
hydrog12 hydrog ? ? A DA 5  N1 ? ? ? 1_555 A DT 8  N3 ? ? A DA 5  A DT 8  12_565 ? ? ? ? ? ? WATSON-CRICK ? ? ? 
hydrog13 hydrog ? ? A DA 5  N6 ? ? ? 1_555 A DT 8  O4 ? ? A DA 5  A DT 8  12_565 ? ? ? ? ? ? WATSON-CRICK ? ? ? 
hydrog14 hydrog ? ? A DC 6  N3 ? ? ? 1_555 A DG 7  N1 ? ? A DC 6  A DG 7  12_565 ? ? ? ? ? ? WATSON-CRICK ? ? ? 
hydrog15 hydrog ? ? A DC 6  N4 ? ? ? 1_555 A DG 7  O6 ? ? A DC 6  A DG 7  12_565 ? ? ? ? ? ? WATSON-CRICK ? ? ? 
hydrog16 hydrog ? ? A DC 6  O2 ? ? ? 1_555 A DG 7  N2 ? ? A DC 6  A DG 7  12_565 ? ? ? ? ? ? WATSON-CRICK ? ? ? 
hydrog17 hydrog ? ? A DG 7  N1 ? ? ? 1_555 A DC 6  N3 ? ? A DG 7  A DC 6  12_565 ? ? ? ? ? ? WATSON-CRICK ? ? ? 
hydrog18 hydrog ? ? A DG 7  N2 ? ? ? 1_555 A DC 6  O2 ? ? A DG 7  A DC 6  12_565 ? ? ? ? ? ? WATSON-CRICK ? ? ? 
hydrog19 hydrog ? ? A DG 7  O6 ? ? ? 1_555 A DC 6  N4 ? ? A DG 7  A DC 6  12_565 ? ? ? ? ? ? WATSON-CRICK ? ? ? 
hydrog20 hydrog ? ? A DT 8  N3 ? ? ? 1_555 A DA 5  N1 ? ? A DT 8  A DA 5  12_565 ? ? ? ? ? ? WATSON-CRICK ? ? ? 
hydrog21 hydrog ? ? A DT 8  O4 ? ? ? 1_555 A DA 5  N6 ? ? A DT 8  A DA 5  12_565 ? ? ? ? ? ? WATSON-CRICK ? ? ? 
hydrog22 hydrog ? ? A DA 9  N1 ? ? ? 1_555 A DT 4  N3 ? ? A DA 9  A DT 4  12_565 ? ? ? ? ? ? WATSON-CRICK ? ? ? 
hydrog23 hydrog ? ? A DA 9  N6 ? ? ? 1_555 A DT 4  O4 ? ? A DA 9  A DT 4  12_565 ? ? ? ? ? ? WATSON-CRICK ? ? ? 
hydrog24 hydrog ? ? A DC 10 N3 ? ? ? 1_555 A DG 3  N1 ? ? A DC 10 A DG 3  12_565 ? ? ? ? ? ? WATSON-CRICK ? ? ? 
hydrog25 hydrog ? ? A DC 10 N4 ? ? ? 1_555 A DG 3  O6 ? ? A DC 10 A DG 3  12_565 ? ? ? ? ? ? WATSON-CRICK ? ? ? 
hydrog26 hydrog ? ? A DC 10 O2 ? ? ? 1_555 A DG 3  N2 ? ? A DC 10 A DG 3  12_565 ? ? ? ? ? ? WATSON-CRICK ? ? ? 
hydrog27 hydrog ? ? A DG 11 N1 ? ? ? 1_555 A DC 2  N3 ? ? A DG 11 A DC 2  12_565 ? ? ? ? ? ? WATSON-CRICK ? ? ? 
hydrog28 hydrog ? ? A DG 11 N2 ? ? ? 1_555 A DC 2  O2 ? ? A DG 11 A DC 2  12_565 ? ? ? ? ? ? WATSON-CRICK ? ? ? 
hydrog29 hydrog ? ? A DG 11 O6 ? ? ? 1_555 A DC 2  N4 ? ? A DG 11 A DC 2  12_565 ? ? ? ? ? ? WATSON-CRICK ? ? ? 
hydrog30 hydrog ? ? A DC 12 N3 ? ? ? 1_555 A DG 1  N1 ? ? A DC 12 A DG 1  12_565 ? ? ? ? ? ? WATSON-CRICK ? ? ? 
hydrog31 hydrog ? ? A DC 12 N4 ? ? ? 1_555 A DG 1  O6 ? ? A DC 12 A DG 1  12_565 ? ? ? ? ? ? WATSON-CRICK ? ? ? 
hydrog32 hydrog ? ? A DC 12 O2 ? ? ? 1_555 A DG 1  N2 ? ? A DC 12 A DG 1  12_565 ? ? ? ? ? ? WATSON-CRICK ? ? ? 
# 
_struct_conn_type.id          hydrog 
_struct_conn_type.criteria    ? 
_struct_conn_type.reference   ? 
# 
_atom_sites.entry_id                    117D 
_atom_sites.fract_transf_matrix[1][1]   0.02100055 
_atom_sites.fract_transf_matrix[1][2]   0.01079153 
_atom_sites.fract_transf_matrix[1][3]   -0.00819761 
_atom_sites.fract_transf_matrix[2][1]   0.02132476 
_atom_sites.fract_transf_matrix[2][2]   -0.00289938 
_atom_sites.fract_transf_matrix[2][3]   0.01271016 
_atom_sites.fract_transf_matrix[3][1]   0.00293150 
_atom_sites.fract_transf_matrix[3][2]   -0.01141983 
_atom_sites.fract_transf_matrix[3][3]   -0.00752343 
_atom_sites.fract_transf_vector[1]      0.244792 
_atom_sites.fract_transf_vector[2]      0.586873 
_atom_sites.fract_transf_vector[3]      0.062531 
# 
loop_
_atom_type.symbol 
C 
N 
O 
P 
# 
loop_
_atom_site.group_PDB 
_atom_site.id 
_atom_site.type_symbol 
_atom_site.label_atom_id 
_atom_site.label_alt_id 
_atom_site.label_comp_id 
_atom_site.label_asym_id 
_atom_site.label_entity_id 
_atom_site.label_seq_id 
_atom_site.pdbx_PDB_ins_code 
_atom_site.Cartn_x 
_atom_site.Cartn_y 
_atom_site.Cartn_z 
_atom_site.occupancy 
_atom_site.B_iso_or_equiv 
_atom_site.pdbx_formal_charge 
_atom_site.auth_seq_id 
_atom_site.auth_comp_id 
_atom_site.auth_asym_id 
_atom_site.auth_atom_id 
_atom_site.pdbx_PDB_model_num 
ATOM   1   O "O5'" . DG  A 1 1  ? 13.726  -5.707  10.386 1.00 44.09 ? 1  DG  A "O5'" 1 
ATOM   2   C "C5'" . DG  A 1 1  ? 13.529  -4.616  9.438  1.00 36.90 ? 1  DG  A "C5'" 1 
ATOM   3   C "C4'" . DG  A 1 1  ? 14.598  -4.743  8.372  1.00 34.49 ? 1  DG  A "C4'" 1 
ATOM   4   O "O4'" . DG  A 1 1  ? 15.246  -5.995  8.438  1.00 35.32 ? 1  DG  A "O4'" 1 
ATOM   5   C "C3'" . DG  A 1 1  ? 14.055  -4.616  6.958  1.00 31.86 ? 1  DG  A "C3'" 1 
ATOM   6   O "O3'" . DG  A 1 1  ? 14.061  -3.252  6.512  1.00 30.31 ? 1  DG  A "O3'" 1 
ATOM   7   C "C2'" . DG  A 1 1  ? 14.965  -5.507  6.140  1.00 32.60 ? 1  DG  A "C2'" 1 
ATOM   8   C "C1'" . DG  A 1 1  ? 15.332  -6.590  7.128  1.00 32.87 ? 1  DG  A "C1'" 1 
ATOM   9   N N9    . DG  A 1 1  ? 14.406  -7.729  6.981  1.00 32.08 ? 1  DG  A N9    1 
ATOM   10  C C8    . DG  A 1 1  ? 13.530  -8.230  7.918  1.00 33.09 ? 1  DG  A C8    1 
ATOM   11  N N7    . DG  A 1 1  ? 12.832  -9.255  7.488  1.00 33.47 ? 1  DG  A N7    1 
ATOM   12  C C5    . DG  A 1 1  ? 13.287  -9.440  6.179  1.00 31.51 ? 1  DG  A C5    1 
ATOM   13  C C6    . DG  A 1 1  ? 12.925  -10.386 5.187  1.00 30.00 ? 1  DG  A C6    1 
ATOM   14  O O6    . DG  A 1 1  ? 12.099  -11.296 5.263  1.00 29.34 ? 1  DG  A O6    1 
ATOM   15  N N1    . DG  A 1 1  ? 13.607  -10.257 4.008  1.00 28.22 ? 1  DG  A N1    1 
ATOM   16  C C2    . DG  A 1 1  ? 14.542  -9.290  3.808  1.00 30.26 ? 1  DG  A C2    1 
ATOM   17  N N2    . DG  A 1 1  ? 15.126  -9.275  2.604  1.00 27.40 ? 1  DG  A N2    1 
ATOM   18  N N3    . DG  A 1 1  ? 14.907  -8.368  4.703  1.00 31.99 ? 1  DG  A N3    1 
ATOM   19  C C4    . DG  A 1 1  ? 14.249  -8.512  5.862  1.00 30.93 ? 1  DG  A C4    1 
ATOM   20  P P     . DC  A 1 2  ? 12.540  -2.588  6.573  1.00 30.40 ? 2  DC  A P     1 
ATOM   21  O OP1   . DC  A 1 2  ? 12.791  -1.247  7.079  1.00 25.40 ? 2  DC  A OP1   1 
ATOM   22  O OP2   . DC  A 1 2  ? 11.769  -3.538  7.422  1.00 29.46 ? 2  DC  A OP2   1 
ATOM   23  O "O5'" . DC  A 1 2  ? 12.223  -2.645  4.967  1.00 28.09 ? 2  DC  A "O5'" 1 
ATOM   24  C "C5'" . DC  A 1 2  ? 13.359  -2.116  4.221  1.00 25.33 ? 2  DC  A "C5'" 1 
ATOM   25  C "C4'" . DC  A 1 2  ? 13.719  -3.050  3.096  1.00 21.89 ? 2  DC  A "C4'" 1 
ATOM   26  O "O4'" . DC  A 1 2  ? 13.951  -4.373  3.545  1.00 20.04 ? 2  DC  A "O4'" 1 
ATOM   27  C "C3'" . DC  A 1 2  ? 12.623  -3.217  2.056  1.00 21.56 ? 2  DC  A "C3'" 1 
ATOM   28  O "O3'" . DC  A 1 2  ? 12.512  -2.104  1.174  1.00 23.79 ? 2  DC  A "O3'" 1 
ATOM   29  C "C2'" . DC  A 1 2  ? 13.040  -4.497  1.331  1.00 19.42 ? 2  DC  A "C2'" 1 
ATOM   30  C "C1'" . DC  A 1 2  ? 13.550  -5.298  2.506  1.00 21.53 ? 2  DC  A "C1'" 1 
ATOM   31  N N1    . DC  A 1 2  ? 12.488  -6.204  2.977  1.00 22.83 ? 2  DC  A N1    1 
ATOM   32  C C2    . DC  A 1 2  ? 12.085  -7.200  2.097  1.00 22.67 ? 2  DC  A C2    1 
ATOM   33  O O2    . DC  A 1 2  ? 12.541  -7.272  0.961  1.00 22.43 ? 2  DC  A O2    1 
ATOM   34  N N3    . DC  A 1 2  ? 11.159  -8.102  2.548  1.00 21.21 ? 2  DC  A N3    1 
ATOM   35  C C4    . DC  A 1 2  ? 10.645  -8.029  3.805  1.00 21.13 ? 2  DC  A C4    1 
ATOM   36  N N4    . DC  A 1 2  ? 9.719   -8.912  4.174  1.00 22.38 ? 2  DC  A N4    1 
ATOM   37  C C5    . DC  A 1 2  ? 11.067  -6.995  4.686  1.00 19.57 ? 2  DC  A C5    1 
ATOM   38  C C6    . DC  A 1 2  ? 11.971  -6.124  4.233  1.00 18.68 ? 2  DC  A C6    1 
ATOM   39  P P     . DG  A 1 3  ? 10.926  -1.868  0.876  1.00 26.88 ? 3  DG  A P     1 
ATOM   40  O OP1   . DG  A 1 3  ? 10.891  -0.422  0.676  1.00 25.06 ? 3  DG  A OP1   1 
ATOM   41  O OP2   . DG  A 1 3  ? 10.164  -2.304  2.118  1.00 27.76 ? 3  DG  A OP2   1 
ATOM   42  O "O5'" . DG  A 1 3  ? 10.716  -2.899  -0.299 1.00 21.78 ? 3  DG  A "O5'" 1 
ATOM   43  C "C5'" . DG  A 1 3  ? 11.520  -2.711  -1.494 1.00 22.99 ? 3  DG  A "C5'" 1 
ATOM   44  C "C4'" . DG  A 1 3  ? 11.250  -3.966  -2.311 1.00 23.66 ? 3  DG  A "C4'" 1 
ATOM   45  O "O4'" . DG  A 1 3  ? 11.344  -5.074  -1.445 1.00 24.60 ? 3  DG  A "O4'" 1 
ATOM   46  C "C3'" . DG  A 1 3  ? 9.851   -4.048  -2.893 1.00 23.13 ? 3  DG  A "C3'" 1 
ATOM   47  O "O3'" . DG  A 1 3  ? 9.740   -3.383  -4.159 1.00 24.19 ? 3  DG  A "O3'" 1 
ATOM   48  C "C2'" . DG  A 1 3  ? 9.622   -5.553  -3.009 1.00 22.57 ? 3  DG  A "C2'" 1 
ATOM   49  C "C1'" . DG  A 1 3  ? 10.431  -6.108  -1.865 1.00 22.96 ? 3  DG  A "C1'" 1 
ATOM   50  N N9    . DG  A 1 3  ? 9.607   -6.470  -0.707 1.00 23.44 ? 3  DG  A N9    1 
ATOM   51  C C8    . DG  A 1 3  ? 9.550   -5.816  0.498  1.00 23.70 ? 3  DG  A C8    1 
ATOM   52  N N7    . DG  A 1 3  ? 8.780   -6.410  1.378  1.00 25.93 ? 3  DG  A N7    1 
ATOM   53  C C5    . DG  A 1 3  ? 8.316   -7.543  0.710  1.00 24.36 ? 3  DG  A C5    1 
ATOM   54  C C6    . DG  A 1 3  ? 7.465   -8.603  1.125  1.00 24.87 ? 3  DG  A C6    1 
ATOM   55  O O6    . DG  A 1 3  ? 6.914   -8.752  2.212  1.00 26.57 ? 3  DG  A O6    1 
ATOM   56  N N1    . DG  A 1 3  ? 7.245   -9.566  0.173  1.00 23.18 ? 3  DG  A N1    1 
ATOM   57  C C2    . DG  A 1 3  ? 7.826   -9.516  -1.057 1.00 21.92 ? 3  DG  A C2    1 
ATOM   58  N N2    . DG  A 1 3  ? 7.518   -10.538 -1.859 1.00 17.24 ? 3  DG  A N2    1 
ATOM   59  N N3    . DG  A 1 3  ? 8.643   -8.555  -1.493 1.00 20.95 ? 3  DG  A N3    1 
ATOM   60  C C4    . DG  A 1 3  ? 8.843   -7.605  -0.557 1.00 22.06 ? 3  DG  A C4    1 
ATOM   61  P P     . DT  A 1 4  ? 8.186   -2.887  -4.532 1.00 18.63 ? 4  DT  A P     1 
ATOM   62  O OP1   . DT  A 1 4  ? 8.509   -2.084  -5.733 1.00 18.17 ? 4  DT  A OP1   1 
ATOM   63  O OP2   . DT  A 1 4  ? 7.710   -2.162  -3.332 1.00 16.20 ? 4  DT  A OP2   1 
ATOM   64  O "O5'" . DT  A 1 4  ? 7.446   -4.264  -4.777 1.00 17.32 ? 4  DT  A "O5'" 1 
ATOM   65  C "C5'" . DT  A 1 4  ? 7.802   -5.084  -5.907 1.00 18.35 ? 4  DT  A "C5'" 1 
ATOM   66  C "C4'" . DT  A 1 4  ? 6.811   -6.220  -5.966 1.00 16.72 ? 4  DT  A "C4'" 1 
ATOM   67  O "O4'" . DT  A 1 4  ? 6.995   -7.047  -4.836 1.00 16.17 ? 4  DT  A "O4'" 1 
ATOM   68  C "C3'" . DT  A 1 4  ? 5.337   -5.864  -5.882 1.00 18.85 ? 4  DT  A "C3'" 1 
ATOM   69  O "O3'" . DT  A 1 4  ? 4.758   -5.344  -7.083 1.00 22.77 ? 4  DT  A "O3'" 1 
ATOM   70  C "C2'" . DT  A 1 4  ? 4.739   -7.221  -5.504 1.00 16.91 ? 4  DT  A "C2'" 1 
ATOM   71  C "C1'" . DT  A 1 4  ? 5.768   -7.741  -4.540 1.00 13.74 ? 4  DT  A "C1'" 1 
ATOM   72  N N1    . DT  A 1 4  ? 5.403   -7.465  -3.148 1.00 10.18 ? 4  DT  A N1    1 
ATOM   73  C C2    . DT  A 1 4  ? 4.633   -8.393  -2.477 1.00 14.51 ? 4  DT  A C2    1 
ATOM   74  O O2    . DT  A 1 4  ? 4.225   -9.420  -3.019 1.00 12.94 ? 4  DT  A O2    1 
ATOM   75  N N3    . DT  A 1 4  ? 4.318   -8.125  -1.172 1.00 16.79 ? 4  DT  A N3    1 
ATOM   76  C C4    . DT  A 1 4  ? 4.733   -7.016  -0.515 1.00 15.50 ? 4  DT  A C4    1 
ATOM   77  O O4    . DT  A 1 4  ? 4.413   -6.876  0.691  1.00 16.55 ? 4  DT  A O4    1 
ATOM   78  C C5    . DT  A 1 4  ? 5.504   -6.058  -1.244 1.00 14.11 ? 4  DT  A C5    1 
ATOM   79  C C7    . DT  A 1 4  ? 5.978   -4.811  -0.559 1.00 11.56 ? 4  DT  A C7    1 
ATOM   80  C C6    . DT  A 1 4  ? 5.799   -6.314  -2.520 1.00 12.35 ? 4  DT  A C6    1 
ATOM   81  P P     . DA  A 1 5  ? 3.262   -4.643  -7.016 1.00 22.17 ? 5  DA  A P     1 
ATOM   82  O OP1   . DA  A 1 5  ? 3.380   -3.964  -8.334 1.00 25.75 ? 5  DA  A OP1   1 
ATOM   83  O OP2   . DA  A 1 5  ? 3.256   -3.781  -5.787 1.00 21.78 ? 5  DA  A OP2   1 
ATOM   84  O "O5'" . DA  A 1 5  ? 2.180   -5.789  -6.894 1.00 23.05 ? 5  DA  A "O5'" 1 
ATOM   85  C "C5'" . DA  A 1 5  ? 2.164   -6.904  -7.814 1.00 20.55 ? 5  DA  A "C5'" 1 
ATOM   86  C "C4'" . DA  A 1 5  ? 1.095   -7.860  -7.324 1.00 19.49 ? 5  DA  A "C4'" 1 
ATOM   87  O "O4'" . DA  A 1 5  ? 1.584   -8.534  -6.190 1.00 19.79 ? 5  DA  A "O4'" 1 
ATOM   88  C "C3'" . DA  A 1 5  ? -0.198  -7.213  -6.857 1.00 23.13 ? 5  DA  A "C3'" 1 
ATOM   89  O "O3'" . DA  A 1 5  ? -1.152  -6.945  -7.887 1.00 26.88 ? 5  DA  A "O3'" 1 
ATOM   90  C "C2'" . DA  A 1 5  ? -0.739  -8.256  -5.881 1.00 23.73 ? 5  DA  A "C2'" 1 
ATOM   91  C "C1'" . DA  A 1 5  ? 0.543   -8.693  -5.212 1.00 20.50 ? 5  DA  A "C1'" 1 
ATOM   92  N N9    . DA  A 1 5  ? 0.790   -7.902  -3.990 1.00 18.39 ? 5  DA  A N9    1 
ATOM   93  C C8    . DA  A 1 5  ? 1.474   -6.734  -3.809 1.00 15.98 ? 5  DA  A C8    1 
ATOM   94  N N7    . DA  A 1 5  ? 1.518   -6.349  -2.554 1.00 17.26 ? 5  DA  A N7    1 
ATOM   95  C C5    . DA  A 1 5  ? 0.834   -7.333  -1.858 1.00 18.35 ? 5  DA  A C5    1 
ATOM   96  C C6    . DA  A 1 5  ? 0.528   -7.501  -0.486 1.00 19.08 ? 5  DA  A C6    1 
ATOM   97  N N6    . DA  A 1 5  ? 0.872   -6.680  0.502  1.00 19.63 ? 5  DA  A N6    1 
ATOM   98  N N1    . DA  A 1 5  ? -0.190  -8.623  -0.167 1.00 15.29 ? 5  DA  A N1    1 
ATOM   99  C C2    . DA  A 1 5  ? -0.571  -9.505  -1.129 1.00 18.00 ? 5  DA  A C2    1 
ATOM   100 N N3    . DA  A 1 5  ? -0.326  -9.411  -2.439 1.00 18.99 ? 5  DA  A N3    1 
ATOM   101 C C4    . DA  A 1 5  ? 0.378   -8.295  -2.729 1.00 18.00 ? 5  DA  A C4    1 
ATOM   102 P P     . DC  A 1 6  ? -2.264  -5.804  -7.538 1.00 28.31 ? 6  DC  A P     1 
ATOM   103 O OP1   . DC  A 1 6  ? -2.968  -5.645  -8.801 1.00 30.22 ? 6  DC  A OP1   1 
ATOM   104 O OP2   . DC  A 1 6  ? -1.540  -4.711  -6.843 1.00 31.17 ? 6  DC  A OP2   1 
ATOM   105 O "O5'" . DC  A 1 6  ? -3.208  -6.550  -6.510 1.00 29.72 ? 6  DC  A "O5'" 1 
ATOM   106 C "C5'" . DC  A 1 6  ? -4.351  -7.267  -7.063 1.00 29.23 ? 6  DC  A "C5'" 1 
ATOM   107 C "C4'" . DC  A 1 6  ? -5.006  -7.817  -5.805 1.00 27.49 ? 6  DC  A "C4'" 1 
ATOM   108 O "O4'" . DC  A 1 6  ? -3.999  -8.308  -4.946 1.00 24.79 ? 6  DC  A "O4'" 1 
ATOM   109 C "C3'" . DC  A 1 6  ? -5.719  -6.753  -4.987 1.00 25.89 ? 6  DC  A "C3'" 1 
ATOM   110 O "O3'" . DC  A 1 6  ? -7.003  -6.399  -5.506 1.00 28.52 ? 6  DC  A "O3'" 1 
ATOM   111 C "C2'" . DC  A 1 6  ? -5.770  -7.436  -3.625 1.00 23.86 ? 6  DC  A "C2'" 1 
ATOM   112 C "C1'" . DC  A 1 6  ? -4.368  -8.029  -3.587 1.00 23.69 ? 6  DC  A "C1'" 1 
ATOM   113 N N1    . DC  A 1 6  ? -3.480  -7.057  -2.936 1.00 21.79 ? 6  DC  A N1    1 
ATOM   114 C C2    . DC  A 1 6  ? -3.499  -7.109  -1.548 1.00 21.19 ? 6  DC  A C2    1 
ATOM   115 O O2    . DC  A 1 6  ? -4.186  -7.918  -0.934 1.00 19.30 ? 6  DC  A O2    1 
ATOM   116 N N3    . DC  A 1 6  ? -2.698  -6.225  -0.862 1.00 23.95 ? 6  DC  A N3    1 
ATOM   117 C C4    . DC  A 1 6  ? -1.890  -5.340  -1.505 1.00 22.56 ? 6  DC  A C4    1 
ATOM   118 N N4    . DC  A 1 6  ? -1.127  -4.521  -0.789 1.00 22.68 ? 6  DC  A N4    1 
ATOM   119 C C5    . DC  A 1 6  ? -1.895  -5.290  -2.926 1.00 22.60 ? 6  DC  A C5    1 
ATOM   120 C C6    . DC  A 1 6  ? -2.685  -6.166  -3.579 1.00 23.48 ? 6  DC  A C6    1 
ATOM   121 P P     . DG  A 1 7  ? -7.473  -4.873  -5.360 1.00 29.97 ? 7  DG  A P     1 
ATOM   122 O OP1   . DG  A 1 7  ? -8.467  -4.724  -6.452 1.00 32.24 ? 7  DG  A OP1   1 
ATOM   123 O OP2   . DG  A 1 7  ? -6.344  -3.888  -5.512 1.00 29.23 ? 7  DG  A OP2   1 
ATOM   124 O "O5'" . DG  A 1 7  ? -8.026  -4.824  -3.870 1.00 29.87 ? 7  DG  A "O5'" 1 
ATOM   125 C "C5'" . DG  A 1 7  ? -9.233  -5.495  -3.454 1.00 25.39 ? 7  DG  A "C5'" 1 
ATOM   126 C "C4'" . DG  A 1 7  ? -9.334  -5.358  -1.947 1.00 23.89 ? 7  DG  A "C4'" 1 
ATOM   127 O "O4'" . DG  A 1 7  ? -8.132  -5.768  -1.321 1.00 24.60 ? 7  DG  A "O4'" 1 
ATOM   128 C "C3'" . DG  A 1 7  ? -9.548  -3.944  -1.439 1.00 20.66 ? 7  DG  A "C3'" 1 
ATOM   129 O "O3'" . DG  A 1 7  ? -10.903 -3.521  -1.571 1.00 22.99 ? 7  DG  A "O3'" 1 
ATOM   130 C "C2'" . DG  A 1 7  ? -9.113  -4.043  0.011  1.00 17.76 ? 7  DG  A "C2'" 1 
ATOM   131 C "C1'" . DG  A 1 7  ? -8.002  -5.061  -0.071 1.00 20.79 ? 7  DG  A "C1'" 1 
ATOM   132 N N9    . DG  A 1 7  ? -6.697  -4.384  -0.020 1.00 20.26 ? 7  DG  A N9    1 
ATOM   133 C C8    . DG  A 1 7  ? -5.819  -4.170  -1.052 1.00 18.50 ? 7  DG  A C8    1 
ATOM   134 N N7    . DG  A 1 7  ? -4.722  -3.561  -0.684 1.00 18.23 ? 7  DG  A N7    1 
ATOM   135 C C5    . DG  A 1 7  ? -4.896  -3.352  0.685  1.00 18.94 ? 7  DG  A C5    1 
ATOM   136 C C6    . DG  A 1 7  ? -4.070  -2.719  1.655  1.00 20.07 ? 7  DG  A C6    1 
ATOM   137 O O6    . DG  A 1 7  ? -2.968  -2.194  1.485  1.00 20.67 ? 7  DG  A O6    1 
ATOM   138 N N1    . DG  A 1 7  ? -4.599  -2.718  2.923  1.00 20.12 ? 7  DG  A N1    1 
ATOM   139 C C2    . DG  A 1 7  ? -5.820  -3.253  3.218  1.00 17.85 ? 7  DG  A C2    1 
ATOM   140 N N2    . DG  A 1 7  ? -6.190  -3.164  4.496  1.00 15.33 ? 7  DG  A N2    1 
ATOM   141 N N3    . DG  A 1 7  ? -6.642  -3.844  2.347  1.00 18.14 ? 7  DG  A N3    1 
ATOM   142 C C4    . DG  A 1 7  ? -6.111  -3.854  1.107  1.00 19.34 ? 7  DG  A C4    1 
ATOM   143 P P     . DT  A 1 8  ? -11.144 -2.047  -2.162 1.00 21.60 ? 8  DT  A P     1 
ATOM   144 O OP1   . DT  A 1 8  ? -12.361 -2.207  -2.965 1.00 19.22 ? 8  DT  A OP1   1 
ATOM   145 O OP2   . DT  A 1 8  ? -9.969  -1.590  -2.956 1.00 22.77 ? 8  DT  A OP2   1 
ATOM   146 O "O5'" . DT  A 1 8  ? -11.217 -1.172  -0.807 1.00 22.80 ? 8  DT  A "O5'" 1 
ATOM   147 C "C5'" . DT  A 1 8  ? -11.996 -1.657  0.303  1.00 20.53 ? 8  DT  A "C5'" 1 
ATOM   148 C "C4'" . DT  A 1 8  ? -11.584 -0.883  1.535  1.00 21.46 ? 8  DT  A "C4'" 1 
ATOM   149 O "O4'" . DT  A 1 8  ? -10.345 -1.405  1.987  1.00 21.19 ? 8  DT  A "O4'" 1 
ATOM   150 C "C3'" . DT  A 1 8  ? -11.353 0.608   1.370  1.00 21.91 ? 8  DT  A "C3'" 1 
ATOM   151 O "O3'" . DT  A 1 8  ? -12.537 1.420   1.431  1.00 24.21 ? 8  DT  A "O3'" 1 
ATOM   152 C "C2'" . DT  A 1 8  ? -10.415 0.915   2.531  1.00 18.26 ? 8  DT  A "C2'" 1 
ATOM   153 C "C1'" . DT  A 1 8  ? -9.577  -0.345  2.593  1.00 20.05 ? 8  DT  A "C1'" 1 
ATOM   154 N N1    . DT  A 1 8  ? -8.307  -0.167  1.872  1.00 17.16 ? 8  DT  A N1    1 
ATOM   155 C C2    . DT  A 1 8  ? -7.273  0.401   2.596  1.00 16.75 ? 8  DT  A C2    1 
ATOM   156 O O2    . DT  A 1 8  ? -7.417  0.760   3.762  1.00 19.69 ? 8  DT  A O2    1 
ATOM   157 N N3    . DT  A 1 8  ? -6.075  0.569   1.970  1.00 16.24 ? 8  DT  A N3    1 
ATOM   158 C C4    . DT  A 1 8  ? -5.886  0.196   0.670  1.00 17.40 ? 8  DT  A C4    1 
ATOM   159 O O4    . DT  A 1 8  ? -4.733  0.410   0.209  1.00 20.94 ? 8  DT  A O4    1 
ATOM   160 C C5    . DT  A 1 8  ? -6.958  -0.389  -0.055 1.00 17.46 ? 8  DT  A C5    1 
ATOM   161 C C7    . DT  A 1 8  ? -6.778  -0.815  -1.494 1.00 14.75 ? 8  DT  A C7    1 
ATOM   162 C C6    . DT  A 1 8  ? -8.124  -0.575  0.583  1.00 17.30 ? 8  DT  A C6    1 
ATOM   163 P P     . DA  A 1 9  ? -12.409 2.961   0.922  1.00 27.37 ? 9  DA  A P     1 
ATOM   164 O OP1   . DA  A 1 9  ? -13.792 3.430   0.959  1.00 31.45 ? 9  DA  A OP1   1 
ATOM   165 O OP2   . DA  A 1 9  ? -11.841 3.015   -0.482 1.00 30.42 ? 9  DA  A OP2   1 
ATOM   166 O "O5'" . DA  A 1 9  ? -11.416 3.667   1.952  1.00 24.08 ? 9  DA  A "O5'" 1 
ATOM   167 C "C5'" . DA  A 1 9  ? -11.864 3.640   3.334  1.00 24.00 ? 9  DA  A "C5'" 1 
ATOM   168 C "C4'" . DA  A 1 9  ? -10.903 4.494   4.127  1.00 21.67 ? 9  DA  A "C4'" 1 
ATOM   169 O "O4'" . DA  A 1 9  ? -9.694  3.790   4.283  1.00 24.44 ? 9  DA  A "O4'" 1 
ATOM   170 C "C3'" . DA  A 1 9  ? -10.533 5.813   3.478  1.00 23.84 ? 9  DA  A "C3'" 1 
ATOM   171 O "O3'" . DA  A 1 9  ? -11.460 6.865   3.794  1.00 24.40 ? 9  DA  A "O3'" 1 
ATOM   172 C "C2'" . DA  A 1 9  ? -9.121  6.066   3.990  1.00 20.08 ? 9  DA  A "C2'" 1 
ATOM   173 C "C1'" . DA  A 1 9  ? -8.572  4.670   4.129  1.00 17.79 ? 9  DA  A "C1'" 1 
ATOM   174 N N9    . DA  A 1 9  ? -7.793  4.271   2.952  1.00 19.21 ? 9  DA  A N9    1 
ATOM   175 C C8    . DA  A 1 9  ? -8.187  3.654   1.794  1.00 18.72 ? 9  DA  A C8    1 
ATOM   176 N N7    . DA  A 1 9  ? -7.205  3.443   0.942  1.00 17.16 ? 9  DA  A N7    1 
ATOM   177 C C5    . DA  A 1 9  ? -6.088  3.963   1.586  1.00 15.59 ? 9  DA  A C5    1 
ATOM   178 C C6    . DA  A 1 9  ? -4.739  4.043   1.205  1.00 16.56 ? 9  DA  A C6    1 
ATOM   179 N N6    . DA  A 1 9  ? -4.214  3.581   0.077  1.00 16.62 ? 9  DA  A N6    1 
ATOM   180 N N1    . DA  A 1 9  ? -3.927  4.638   2.133  1.00 18.52 ? 9  DA  A N1    1 
ATOM   181 C C2    . DA  A 1 9  ? -4.370  5.107   3.322  1.00 18.87 ? 9  DA  A C2    1 
ATOM   182 N N3    . DA  A 1 9  ? -5.632  5.053   3.751  1.00 18.42 ? 9  DA  A N3    1 
ATOM   183 C C4    . DA  A 1 9  ? -6.426  4.460   2.826  1.00 20.06 ? 9  DA  A C4    1 
ATOM   184 P P     . DC  A 1 10 ? -11.237 8.229   2.953  1.00 21.39 ? 10 DC  A P     1 
ATOM   185 O OP1   . DC  A 1 10 ? -12.166 9.210   3.547  1.00 26.63 ? 10 DC  A OP1   1 
ATOM   186 O OP2   . DC  A 1 10 ? -11.354 8.028   1.498  1.00 19.53 ? 10 DC  A OP2   1 
ATOM   187 O "O5'" . DC  A 1 10 ? -9.703  8.541   3.329  1.00 23.55 ? 10 DC  A "O5'" 1 
ATOM   188 C "C5'" . DC  A 1 10 ? -9.522  9.776   4.078  1.00 22.33 ? 10 DC  A "C5'" 1 
ATOM   189 C "C4'" . DC  A 1 10 ? -8.038  9.866   4.348  1.00 16.94 ? 10 DC  A "C4'" 1 
ATOM   190 O "O4'" . DC  A 1 10 ? -7.425  8.613   4.135  1.00 17.57 ? 10 DC  A "O4'" 1 
ATOM   191 C "C3'" . DC  A 1 10 ? -7.309  10.810  3.410  1.00 16.61 ? 10 DC  A "C3'" 1 
ATOM   192 O "O3'" . DC  A 1 10 ? -7.472  12.159  3.851  1.00 21.01 ? 10 DC  A "O3'" 1 
ATOM   193 C "C2'" . DC  A 1 10 ? -5.876  10.304  3.487  1.00 13.68 ? 10 DC  A "C2'" 1 
ATOM   194 C "C1'" . DC  A 1 10 ? -6.090  8.818   3.665  1.00 13.84 ? 10 DC  A "C1'" 1 
ATOM   195 N N1    . DC  A 1 10 ? -5.925  8.176   2.352  1.00 15.66 ? 10 DC  A N1    1 
ATOM   196 C C2    . DC  A 1 10 ? -4.644  8.216   1.833  1.00 16.99 ? 10 DC  A C2    1 
ATOM   197 O O2    . DC  A 1 10 ? -3.721  8.718   2.467  1.00 17.61 ? 10 DC  A O2    1 
ATOM   198 N N3    . DC  A 1 10 ? -4.449  7.660   0.600  1.00 16.68 ? 10 DC  A N3    1 
ATOM   199 C C4    . DC  A 1 10 ? -5.484  7.108   -0.095 1.00 16.15 ? 10 DC  A C4    1 
ATOM   200 N N4    . DC  A 1 10 ? -5.189  6.583   -1.284 1.00 19.25 ? 10 DC  A N4    1 
ATOM   201 C C5    . DC  A 1 10 ? -6.788  7.068   0.454  1.00 13.52 ? 10 DC  A C5    1 
ATOM   202 C C6    . DC  A 1 10 ? -6.968  7.625   1.664  1.00 14.93 ? 10 DC  A C6    1 
ATOM   203 P P     . DG  A 1 11 ? -7.467  13.323  2.738  1.00 23.50 ? 11 DG  A P     1 
ATOM   204 O OP1   . DG  A 1 11 ? -8.147  14.385  3.506  1.00 22.27 ? 11 DG  A OP1   1 
ATOM   205 O OP2   . DG  A 1 11 ? -8.039  12.862  1.459  1.00 24.51 ? 11 DG  A OP2   1 
ATOM   206 O "O5'" . DG  A 1 11 ? -5.878  13.594  2.519  1.00 26.68 ? 11 DG  A "O5'" 1 
ATOM   207 C "C5'" . DG  A 1 11 ? -5.078  14.022  3.657  1.00 22.75 ? 11 DG  A "C5'" 1 
ATOM   208 C "C4'" . DG  A 1 11 ? -3.665  14.090  3.134  1.00 21.91 ? 11 DG  A "C4'" 1 
ATOM   209 O "O4'" . DG  A 1 11 ? -3.188  12.794  2.856  1.00 21.53 ? 11 DG  A "O4'" 1 
ATOM   210 C "C3'" . DG  A 1 11 ? -3.546  14.841  1.801  1.00 20.76 ? 11 DG  A "C3'" 1 
ATOM   211 O "O3'" . DG  A 1 11 ? -3.552  16.243  2.011  1.00 19.87 ? 11 DG  A "O3'" 1 
ATOM   212 C "C2'" . DG  A 1 11 ? -2.240  14.279  1.250  1.00 20.36 ? 11 DG  A "C2'" 1 
ATOM   213 C "C1'" . DG  A 1 11 ? -2.328  12.828  1.689  1.00 20.98 ? 11 DG  A "C1'" 1 
ATOM   214 N N9    . DG  A 1 11 ? -2.907  12.011  0.617  1.00 21.56 ? 11 DG  A N9    1 
ATOM   215 C C8    . DG  A 1 11 ? -4.221  11.635  0.463  1.00 21.58 ? 11 DG  A C8    1 
ATOM   216 N N7    . DG  A 1 11 ? -4.458  10.922  -0.607 1.00 19.24 ? 11 DG  A N7    1 
ATOM   217 C C5    . DG  A 1 11 ? -3.198  10.776  -1.182 1.00 18.95 ? 11 DG  A C5    1 
ATOM   218 C C6    . DG  A 1 11 ? -2.778  10.105  -2.354 1.00 18.73 ? 11 DG  A C6    1 
ATOM   219 O O6    . DG  A 1 11 ? -3.495  9.459   -3.115 1.00 22.35 ? 11 DG  A O6    1 
ATOM   220 N N1    . DG  A 1 11 ? -1.442  10.216  -2.627 1.00 21.42 ? 11 DG  A N1    1 
ATOM   221 C C2    . DG  A 1 11 ? -0.581  10.905  -1.822 1.00 24.65 ? 11 DG  A C2    1 
ATOM   222 N N2    . DG  A 1 11 ? 0.698   10.916  -2.217 1.00 22.25 ? 11 DG  A N2    1 
ATOM   223 N N3    . DG  A 1 11 ? -0.916  11.549  -0.697 1.00 23.96 ? 11 DG  A N3    1 
ATOM   224 C C4    . DG  A 1 11 ? -2.240  11.445  -0.443 1.00 21.81 ? 11 DG  A C4    1 
ATOM   225 P P     . DC  A 1 12 ? -3.890  17.265  0.831  1.00 19.68 ? 12 DC  A P     1 
ATOM   226 O OP1   . DC  A 1 12 ? -3.914  18.550  1.596  1.00 19.87 ? 12 DC  A OP1   1 
ATOM   227 O OP2   . DC  A 1 12 ? -5.174  17.027  0.096  1.00 12.81 ? 12 DC  A OP2   1 
ATOM   228 O "O5'" . DC  A 1 12 ? -2.630  17.100  -0.086 1.00 15.78 ? 12 DC  A "O5'" 1 
ATOM   229 C "C5'" . DC  A 1 12 ? -1.392  17.818  0.116  1.00 15.27 ? 12 DC  A "C5'" 1 
ATOM   230 C "C4'" . DC  A 1 12 ? -0.510  17.359  -1.036 1.00 19.67 ? 12 DC  A "C4'" 1 
ATOM   231 O "O4'" . DC  A 1 12 ? -0.512  15.948  -1.142 1.00 19.92 ? 12 DC  A "O4'" 1 
ATOM   232 C "C3'" . DC  A 1 12 ? -0.986  17.857  -2.404 1.00 17.72 ? 12 DC  A "C3'" 1 
ATOM   233 O "O3'" . DC  A 1 12 ? -0.591  19.204  -2.634 1.00 22.15 ? 12 DC  A "O3'" 1 
ATOM   234 C "C2'" . DC  A 1 12 ? -0.352  16.828  -3.333 1.00 16.71 ? 12 DC  A "C2'" 1 
ATOM   235 C "C1'" . DC  A 1 12 ? -0.462  15.555  -2.520 1.00 16.11 ? 12 DC  A "C1'" 1 
ATOM   236 N N1    . DC  A 1 12 ? -1.634  14.758  -2.937 1.00 16.26 ? 12 DC  A N1    1 
ATOM   237 C C2    . DC  A 1 12 ? -1.372  13.866  -3.965 1.00 16.62 ? 12 DC  A C2    1 
ATOM   238 O O2    . DC  A 1 12 ? -0.259  13.817  -4.483 1.00 14.55 ? 12 DC  A O2    1 
ATOM   239 N N3    . DC  A 1 12 ? -2.386  13.052  -4.401 1.00 17.54 ? 12 DC  A N3    1 
ATOM   240 C C4    . DC  A 1 12 ? -3.629  13.115  -3.853 1.00 16.27 ? 12 DC  A C4    1 
ATOM   241 N N4    . DC  A 1 12 ? -4.580  12.322  -4.333 1.00 15.89 ? 12 DC  A N4    1 
ATOM   242 C C5    . DC  A 1 12 ? -3.885  14.014  -2.777 1.00 14.10 ? 12 DC  A C5    1 
ATOM   243 C C6    . DC  A 1 12 ? -2.866  14.792  -2.364 1.00 14.96 ? 12 DC  A C6    1 
HETATM 244 O O     . HOH B 2 .  ? 15.400  -0.872  6.744  1.00 37.77 ? 13 HOH A O     1 
HETATM 245 O O     . HOH B 2 .  ? 10.940  -4.666  10.221 1.00 62.54 ? 14 HOH A O     1 
HETATM 246 O O     . HOH B 2 .  ? 10.709  -12.358 8.407  1.00 56.00 ? 15 HOH A O     1 
HETATM 247 O O     . HOH B 2 .  ? 8.459   -5.299  3.848  1.00 66.07 ? 16 HOH A O     1 
HETATM 248 O O     . HOH B 2 .  ? 5.617   -6.950  3.690  1.00 88.10 ? 17 HOH A O     1 
HETATM 249 O O     . HOH B 2 .  ? 2.393   -4.054  -1.735 1.00 25.00 ? 18 HOH A O     1 
HETATM 250 O O     . HOH B 2 .  ? 0.367   -3.167  -4.403 1.00 29.81 ? 19 HOH A O     1 
HETATM 251 O O     . HOH B 2 .  ? -2.331  -11.145 -4.137 1.00 29.93 ? 20 HOH A O     1 
HETATM 252 O O     . HOH B 2 .  ? 10.192  -8.110  -4.037 1.00 29.14 ? 21 HOH A O     1 
HETATM 253 O O     . HOH B 2 .  ? -7.976  3.072   -1.360 1.00 33.11 ? 22 HOH A O     1 
HETATM 254 O O     . HOH B 2 .  ? -10.282 -0.820  5.297  1.00 9.29  ? 23 HOH A O     1 
HETATM 255 O O     . HOH B 2 .  ? 9.571   -0.258  4.989  1.00 59.81 ? 24 HOH A O     1 
HETATM 256 O O     . HOH B 2 .  ? -6.127  18.359  4.126  1.00 32.21 ? 25 HOH A O     1 
HETATM 257 O O     . HOH B 2 .  ? 4.475   -2.734  -3.274 1.00 47.75 ? 26 HOH A O     1 
HETATM 258 O O     . HOH B 2 .  ? 4.042   -11.315 -4.654 1.00 24.62 ? 27 HOH A O     1 
HETATM 259 O O     . HOH B 2 .  ? -5.734  -2.831  -8.804 1.00 64.63 ? 28 HOH A O     1 
HETATM 260 O O     . HOH B 2 .  ? -7.330  -7.580  -8.412 1.00 57.92 ? 29 HOH A O     1 
HETATM 261 O O     . HOH B 2 .  ? -8.582  18.036  1.317  1.00 32.74 ? 30 HOH A O     1 
HETATM 262 O O     . HOH B 2 .  ? -10.276 5.852   -0.800 1.00 35.01 ? 31 HOH A O     1 
HETATM 263 O O     . HOH B 2 .  ? -9.866  9.996   -0.298 1.00 61.15 ? 32 HOH A O     1 
HETATM 264 O O     . HOH B 2 .  ? -8.135  14.333  6.552  1.00 30.57 ? 33 HOH A O     1 
HETATM 265 O O     . HOH B 2 .  ? -6.523  14.570  -1.181 1.00 14.51 ? 34 HOH A O     1 
HETATM 266 O O     . HOH B 2 .  ? 9.584   -2.994  5.506  1.00 63.17 ? 35 HOH A O     1 
HETATM 267 O O     . HOH B 2 .  ? 9.534   -2.720  -8.289 1.00 23.41 ? 36 HOH A O     1 
HETATM 268 O O     . HOH B 2 .  ? -2.571  -0.408  -1.709 1.00 57.49 ? 37 HOH A O     1 
HETATM 269 O O     . HOH B 2 .  ? -3.308  -2.555  -3.228 1.00 68.46 ? 38 HOH A O     1 
HETATM 270 O O     . HOH B 2 .  ? -3.413  -11.280 -6.907 1.00 71.08 ? 39 HOH A O     1 
HETATM 271 O O     . HOH B 2 .  ? -6.923  6.011   -3.603 1.00 75.53 ? 40 HOH A O     1 
HETATM 272 O O     . HOH B 2 .  ? -6.610  10.518  -1.709 1.00 49.34 ? 41 HOH A O     1 
HETATM 273 O O     . HOH B 2 .  ? -7.714  6.409   6.092  1.00 83.24 ? 42 HOH A O     1 
HETATM 274 O O     . HOH B 2 .  ? -0.035  10.334  3.363  1.00 29.74 ? 43 HOH A O     1 
HETATM 275 O O     . HOH B 2 .  ? -7.028  12.962  -3.934 1.00 19.55 ? 44 HOH A O     1 
HETATM 276 O O     . HOH B 2 .  ? 15.853  -1.287  0.555  1.00 47.45 ? 45 HOH A O     1 
# 
loop_
_pdbx_poly_seq_scheme.asym_id 
_pdbx_poly_seq_scheme.entity_id 
_pdbx_poly_seq_scheme.seq_id 
_pdbx_poly_seq_scheme.mon_id 
_pdbx_poly_seq_scheme.ndb_seq_num 
_pdbx_poly_seq_scheme.pdb_seq_num 
_pdbx_poly_seq_scheme.auth_seq_num 
_pdbx_poly_seq_scheme.pdb_mon_id 
_pdbx_poly_seq_scheme.auth_mon_id 
_pdbx_poly_seq_scheme.pdb_strand_id 
_pdbx_poly_seq_scheme.pdb_ins_code 
_pdbx_poly_seq_scheme.hetero 
A 1 1  DG 1  1  1  DG G A . n 
A 1 2  DC 2  2  2  DC C A . n 
A 1 3  DG 3  3  3  DG G A . n 
A 1 4  DT 4  4  4  DT T A . n 
A 1 5  DA 5  5  5  DA A A . n 
A 1 6  DC 6  6  6  DC C A . n 
A 1 7  DG 7  7  7  DG G A . n 
A 1 8  DT 8  8  8  DT T A . n 
A 1 9  DA 9  9  9  DA A A . n 
A 1 10 DC 10 10 10 DC C A . n 
A 1 11 DG 11 11 11 DG G A . n 
A 1 12 DC 12 12 12 DC C A . n 
# 
loop_
_pdbx_nonpoly_scheme.asym_id 
_pdbx_nonpoly_scheme.entity_id 
_pdbx_nonpoly_scheme.mon_id 
_pdbx_nonpoly_scheme.ndb_seq_num 
_pdbx_nonpoly_scheme.pdb_seq_num 
_pdbx_nonpoly_scheme.auth_seq_num 
_pdbx_nonpoly_scheme.pdb_mon_id 
_pdbx_nonpoly_scheme.auth_mon_id 
_pdbx_nonpoly_scheme.pdb_strand_id 
_pdbx_nonpoly_scheme.pdb_ins_code 
B 2 HOH 1  13 13 HOH HOH A . 
B 2 HOH 2  14 14 HOH HOH A . 
B 2 HOH 3  15 15 HOH HOH A . 
B 2 HOH 4  16 16 HOH HOH A . 
B 2 HOH 5  17 17 HOH HOH A . 
B 2 HOH 6  18 18 HOH HOH A . 
B 2 HOH 7  19 19 HOH HOH A . 
B 2 HOH 8  20 20 HOH HOH A . 
B 2 HOH 9  21 21 HOH HOH A . 
B 2 HOH 10 22 22 HOH HOH A . 
B 2 HOH 11 23 23 HOH HOH A . 
B 2 HOH 12 24 24 HOH HOH A . 
B 2 HOH 13 25 25 HOH HOH A . 
B 2 HOH 14 26 26 HOH HOH A . 
B 2 HOH 15 27 27 HOH HOH A . 
B 2 HOH 16 28 28 HOH HOH A . 
B 2 HOH 17 29 29 HOH HOH A . 
B 2 HOH 18 30 30 HOH HOH A . 
B 2 HOH 19 31 31 HOH HOH A . 
B 2 HOH 20 32 32 HOH HOH A . 
B 2 HOH 21 33 33 HOH HOH A . 
B 2 HOH 22 34 34 HOH HOH A . 
B 2 HOH 23 35 35 HOH HOH A . 
B 2 HOH 24 36 36 HOH HOH A . 
B 2 HOH 25 37 37 HOH HOH A . 
B 2 HOH 26 38 38 HOH HOH A . 
B 2 HOH 27 39 39 HOH HOH A . 
B 2 HOH 28 40 40 HOH HOH A . 
B 2 HOH 29 41 41 HOH HOH A . 
B 2 HOH 30 42 42 HOH HOH A . 
B 2 HOH 31 43 43 HOH HOH A . 
B 2 HOH 32 44 44 HOH HOH A . 
B 2 HOH 33 45 45 HOH HOH A . 
# 
_pdbx_struct_assembly.id                   1 
_pdbx_struct_assembly.details              author_defined_assembly 
_pdbx_struct_assembly.method_details       ? 
_pdbx_struct_assembly.oligomeric_details   dimeric 
_pdbx_struct_assembly.oligomeric_count     2 
# 
_pdbx_struct_assembly_gen.assembly_id       1 
_pdbx_struct_assembly_gen.oper_expression   1,2 
_pdbx_struct_assembly_gen.asym_id_list      A,B 
# 
loop_
_pdbx_struct_oper_list.id 
_pdbx_struct_oper_list.type 
_pdbx_struct_oper_list.name 
_pdbx_struct_oper_list.symmetry_operation 
_pdbx_struct_oper_list.matrix[1][1] 
_pdbx_struct_oper_list.matrix[1][2] 
_pdbx_struct_oper_list.matrix[1][3] 
_pdbx_struct_oper_list.vector[1] 
_pdbx_struct_oper_list.matrix[2][1] 
_pdbx_struct_oper_list.matrix[2][2] 
_pdbx_struct_oper_list.matrix[2][3] 
_pdbx_struct_oper_list.vector[2] 
_pdbx_struct_oper_list.matrix[3][1] 
_pdbx_struct_oper_list.matrix[3][2] 
_pdbx_struct_oper_list.matrix[3][3] 
_pdbx_struct_oper_list.vector[3] 
1 'identity operation'         1_555  x,y,z          1.0000000000 0.0000000000 0.0000000000  0.0000000000 0.0000000000 1.0000000000  0.0000000000  0.0000000000  0.0000000000  0.0000000000  1.0000000000  0.0000000000 
2 'crystal symmetry operation' 12_565 x,x-y+1,-z+1/6 0.4119799912 0.7255818451 -0.5511837016 2.2653357269 0.7255818451 -0.6271413071 -0.2832397695 -3.6871549497 -0.5511837016 -0.2832397695 -0.7848386841 0.9493677445 
# 
loop_
_pdbx_audit_revision_history.ordinal 
_pdbx_audit_revision_history.data_content_type 
_pdbx_audit_revision_history.major_revision 
_pdbx_audit_revision_history.minor_revision 
_pdbx_audit_revision_history.revision_date 
1 'Structure model' 1 0 1993-04-15 
2 'Structure model' 1 1 2008-05-22 
3 'Structure model' 1 2 2011-07-13 
4 'Structure model' 1 3 2023-03-22 
# 
_pdbx_audit_revision_details.ordinal             1 
_pdbx_audit_revision_details.revision_ordinal    1 
_pdbx_audit_revision_details.data_content_type   'Structure model' 
_pdbx_audit_revision_details.provider            repository 
_pdbx_audit_revision_details.type                'Initial release' 
_pdbx_audit_revision_details.description         ? 
_pdbx_audit_revision_details.details             ? 
# 
loop_
_pdbx_audit_revision_group.ordinal 
_pdbx_audit_revision_group.revision_ordinal 
_pdbx_audit_revision_group.data_content_type 
_pdbx_audit_revision_group.group 
1 2 'Structure model' 'Version format compliance' 
2 3 'Structure model' 'Version format compliance' 
3 4 'Structure model' 'Database references'       
4 4 'Structure model' 'Structure summary'         
# 
loop_
_pdbx_audit_revision_category.ordinal 
_pdbx_audit_revision_category.revision_ordinal 
_pdbx_audit_revision_category.data_content_type 
_pdbx_audit_revision_category.category 
1 4 'Structure model' audit_author    
2 4 'Structure model' citation_author 
3 4 'Structure model' database_2      
# 
loop_
_pdbx_audit_revision_item.ordinal 
_pdbx_audit_revision_item.revision_ordinal 
_pdbx_audit_revision_item.data_content_type 
_pdbx_audit_revision_item.item 
1 4 'Structure model' '_audit_author.name'                  
2 4 'Structure model' '_citation_author.name'               
3 4 'Structure model' '_database_2.pdbx_DOI'                
4 4 'Structure model' '_database_2.pdbx_database_accession' 
# 
loop_
_refine_B_iso.class 
_refine_B_iso.details 
_refine_B_iso.treatment 
_refine_B_iso.pdbx_refine_id 
'ALL ATOMS'  TR isotropic 'X-RAY DIFFRACTION' 
'ALL WATERS' TR isotropic 'X-RAY DIFFRACTION' 
# 
loop_
_refine_occupancy.class 
_refine_occupancy.treatment 
_refine_occupancy.pdbx_refine_id 
'ALL ATOMS'  fix 'X-RAY DIFFRACTION' 
'ALL WATERS' fix 'X-RAY DIFFRACTION' 
# 
_software.name             NUCLSQ 
_software.classification   refinement 
_software.version          . 
_software.citation_id      ? 
_software.pdbx_ordinal     1 
_software.date             ? 
_software.type             ? 
_software.location         ? 
_software.language         ? 
# 
_pdbx_validate_symm_contact.id                1 
_pdbx_validate_symm_contact.PDB_model_num     1 
_pdbx_validate_symm_contact.auth_atom_id_1    "O3'" 
_pdbx_validate_symm_contact.auth_asym_id_1    A 
_pdbx_validate_symm_contact.auth_comp_id_1    DC 
_pdbx_validate_symm_contact.auth_seq_id_1     12 
_pdbx_validate_symm_contact.PDB_ins_code_1    ? 
_pdbx_validate_symm_contact.label_alt_id_1    ? 
_pdbx_validate_symm_contact.site_symmetry_1   1_555 
_pdbx_validate_symm_contact.auth_atom_id_2    O 
_pdbx_validate_symm_contact.auth_asym_id_2    A 
_pdbx_validate_symm_contact.auth_comp_id_2    HOH 
_pdbx_validate_symm_contact.auth_seq_id_2     23 
_pdbx_validate_symm_contact.PDB_ins_code_2    ? 
_pdbx_validate_symm_contact.label_alt_id_2    ? 
_pdbx_validate_symm_contact.site_symmetry_2   5_554 
_pdbx_validate_symm_contact.dist              2.17 
# 
loop_
_pdbx_validate_rmsd_angle.id 
_pdbx_validate_rmsd_angle.PDB_model_num 
_pdbx_validate_rmsd_angle.auth_atom_id_1 
_pdbx_validate_rmsd_angle.auth_asym_id_1 
_pdbx_validate_rmsd_angle.auth_comp_id_1 
_pdbx_validate_rmsd_angle.auth_seq_id_1 
_pdbx_validate_rmsd_angle.PDB_ins_code_1 
_pdbx_validate_rmsd_angle.label_alt_id_1 
_pdbx_validate_rmsd_angle.auth_atom_id_2 
_pdbx_validate_rmsd_angle.auth_asym_id_2 
_pdbx_validate_rmsd_angle.auth_comp_id_2 
_pdbx_validate_rmsd_angle.auth_seq_id_2 
_pdbx_validate_rmsd_angle.PDB_ins_code_2 
_pdbx_validate_rmsd_angle.label_alt_id_2 
_pdbx_validate_rmsd_angle.auth_atom_id_3 
_pdbx_validate_rmsd_angle.auth_asym_id_3 
_pdbx_validate_rmsd_angle.auth_comp_id_3 
_pdbx_validate_rmsd_angle.auth_seq_id_3 
_pdbx_validate_rmsd_angle.PDB_ins_code_3 
_pdbx_validate_rmsd_angle.label_alt_id_3 
_pdbx_validate_rmsd_angle.angle_value 
_pdbx_validate_rmsd_angle.angle_target_value 
_pdbx_validate_rmsd_angle.angle_deviation 
_pdbx_validate_rmsd_angle.angle_standard_deviation 
_pdbx_validate_rmsd_angle.linker_flag 
1  1 "O4'" A DG 1  ? ? "C1'" A DG 1  ? ? N9    A DG 1  ? ? 111.87 108.30 3.57   0.30 N 
2  1 "C3'" A DG 1  ? ? "O3'" A DG 1  ? ? P     A DC 2  ? ? 111.39 119.70 -8.31  1.20 Y 
3  1 P     A DC 2  ? ? "O5'" A DC 2  ? ? "C5'" A DC 2  ? ? 109.79 120.90 -11.11 1.60 N 
4  1 "O4'" A DC 2  ? ? "C1'" A DC 2  ? ? N1    A DC 2  ? ? 111.30 108.30 3.00   0.30 N 
5  1 "C3'" A DC 2  ? ? "O3'" A DC 2  ? ? P     A DG 3  ? ? 107.60 119.70 -12.10 1.20 Y 
6  1 "O5'" A DG 3  ? ? P     A DG 3  ? ? OP1   A DG 3  ? ? 122.83 110.70 12.13  1.20 N 
7  1 "O5'" A DG 3  ? ? "C5'" A DG 3  ? ? "C4'" A DG 3  ? ? 103.72 109.40 -5.68  0.80 N 
8  1 C5    A DG 3  ? ? C6    A DG 3  ? ? N1    A DG 3  ? ? 114.62 111.50 3.12   0.50 N 
9  1 C2    A DT 4  ? ? N3    A DT 4  ? ? C4    A DT 4  ? ? 123.53 127.20 -3.67  0.60 N 
10 1 "O4'" A DA 5  ? ? "C1'" A DA 5  ? ? N9    A DA 5  ? ? 112.56 108.30 4.26   0.30 N 
11 1 "O5'" A DC 6  ? ? "C5'" A DC 6  ? ? "C4'" A DC 6  ? ? 101.66 109.40 -7.74  0.80 N 
12 1 "O4'" A DC 6  ? ? "C1'" A DC 6  ? ? N1    A DC 6  ? ? 113.12 108.30 4.82   0.30 N 
13 1 "O5'" A DT 8  ? ? P     A DT 8  ? ? OP1   A DT 8  ? ? 118.77 110.70 8.07   1.20 N 
14 1 C2    A DT 8  ? ? N3    A DT 8  ? ? C4    A DT 8  ? ? 121.73 127.20 -5.47  0.60 N 
15 1 N3    A DT 8  ? ? C4    A DT 8  ? ? C5    A DT 8  ? ? 119.55 115.20 4.35   0.60 N 
16 1 N3    A DT 8  ? ? C4    A DT 8  ? ? O4    A DT 8  ? ? 115.42 119.90 -4.48  0.60 N 
17 1 C6    A DA 9  ? ? N1    A DA 9  ? ? C2    A DA 9  ? ? 123.48 118.60 4.88   0.60 N 
18 1 N1    A DA 9  ? ? C2    A DA 9  ? ? N3    A DA 9  ? ? 125.36 129.30 -3.94  0.50 N 
19 1 C5    A DA 9  ? ? C6    A DA 9  ? ? N1    A DA 9  ? ? 114.28 117.70 -3.42  0.50 N 
20 1 C5    A DG 11 ? ? C6    A DG 11 ? ? N1    A DG 11 ? ? 114.64 111.50 3.14   0.50 N 
21 1 "O5'" A DC 12 ? ? "C5'" A DC 12 ? ? "C4'" A DC 12 ? ? 103.91 109.40 -5.49  0.80 N 
22 1 "O4'" A DC 12 ? ? "C1'" A DC 12 ? ? N1    A DC 12 ? ? 113.03 108.30 4.73   0.30 N 
# 
_ndb_struct_conf_na.entry_id   117D 
_ndb_struct_conf_na.feature    'a-form double helix' 
# 
loop_
_ndb_struct_na_base_pair.model_number 
_ndb_struct_na_base_pair.i_label_asym_id 
_ndb_struct_na_base_pair.i_label_comp_id 
_ndb_struct_na_base_pair.i_label_seq_id 
_ndb_struct_na_base_pair.i_symmetry 
_ndb_struct_na_base_pair.j_label_asym_id 
_ndb_struct_na_base_pair.j_label_comp_id 
_ndb_struct_na_base_pair.j_label_seq_id 
_ndb_struct_na_base_pair.j_symmetry 
_ndb_struct_na_base_pair.shear 
_ndb_struct_na_base_pair.stretch 
_ndb_struct_na_base_pair.stagger 
_ndb_struct_na_base_pair.buckle 
_ndb_struct_na_base_pair.propeller 
_ndb_struct_na_base_pair.opening 
_ndb_struct_na_base_pair.pair_number 
_ndb_struct_na_base_pair.pair_name 
_ndb_struct_na_base_pair.i_auth_asym_id 
_ndb_struct_na_base_pair.i_auth_seq_id 
_ndb_struct_na_base_pair.i_PDB_ins_code 
_ndb_struct_na_base_pair.j_auth_asym_id 
_ndb_struct_na_base_pair.j_auth_seq_id 
_ndb_struct_na_base_pair.j_PDB_ins_code 
_ndb_struct_na_base_pair.hbond_type_28 
_ndb_struct_na_base_pair.hbond_type_12 
1 A DG 1  1_555 A DC 12 12_565 -0.274 -0.085 -0.129 -12.290 -3.917  0.320  1  A_DG1:DC12_A A 1  ? A 12 ? 19 1 
1 A DC 2  1_555 A DG 11 12_565 0.071  -0.164 0.373  -4.831  -7.088  -3.669 2  A_DC2:DG11_A A 2  ? A 11 ? 19 1 
1 A DG 3  1_555 A DC 10 12_565 -0.040 -0.118 0.279  2.240   -9.199  -0.077 3  A_DG3:DC10_A A 3  ? A 10 ? 19 1 
1 A DT 4  1_555 A DA 9  12_565 -0.042 -0.189 0.139  0.674   -9.323  2.734  4  A_DT4:DA9_A  A 4  ? A 9  ? 20 1 
1 A DA 5  1_555 A DT 8  12_565 -0.088 -0.077 0.249  6.923   -11.609 -1.724 5  A_DA5:DT8_A  A 5  ? A 8  ? 20 1 
1 A DC 6  1_555 A DG 7  12_565 0.355  -0.190 -0.204 7.301   -13.981 -0.579 6  A_DC6:DG7_A  A 6  ? A 7  ? 19 1 
1 A DG 7  1_555 A DC 6  12_565 -0.355 -0.190 -0.204 -7.301  -13.981 -0.579 7  A_DG7:DC6_A  A 7  ? A 6  ? 19 1 
1 A DT 8  1_555 A DA 5  12_565 0.088  -0.077 0.249  -6.923  -11.609 -1.724 8  A_DT8:DA5_A  A 8  ? A 5  ? 20 1 
1 A DA 9  1_555 A DT 4  12_565 0.042  -0.189 0.139  -0.674  -9.323  2.735  9  A_DA9:DT4_A  A 9  ? A 4  ? 20 1 
1 A DC 10 1_555 A DG 3  12_565 0.040  -0.118 0.279  -2.240  -9.199  -0.077 10 A_DC10:DG3_A A 10 ? A 3  ? 19 1 
1 A DG 11 1_555 A DC 2  12_565 -0.071 -0.164 0.373  4.831   -7.088  -3.669 11 A_DG11:DC2_A A 11 ? A 2  ? 19 1 
1 A DC 12 1_555 A DG 1  12_565 0.274  -0.085 -0.129 12.290  -3.917  0.320  12 A_DC12:DG1_A A 12 ? A 1  ? 19 1 
# 
loop_
_ndb_struct_na_base_pair_step.model_number 
_ndb_struct_na_base_pair_step.i_label_asym_id_1 
_ndb_struct_na_base_pair_step.i_label_comp_id_1 
_ndb_struct_na_base_pair_step.i_label_seq_id_1 
_ndb_struct_na_base_pair_step.i_symmetry_1 
_ndb_struct_na_base_pair_step.j_label_asym_id_1 
_ndb_struct_na_base_pair_step.j_label_comp_id_1 
_ndb_struct_na_base_pair_step.j_label_seq_id_1 
_ndb_struct_na_base_pair_step.j_symmetry_1 
_ndb_struct_na_base_pair_step.i_label_asym_id_2 
_ndb_struct_na_base_pair_step.i_label_comp_id_2 
_ndb_struct_na_base_pair_step.i_label_seq_id_2 
_ndb_struct_na_base_pair_step.i_symmetry_2 
_ndb_struct_na_base_pair_step.j_label_asym_id_2 
_ndb_struct_na_base_pair_step.j_label_comp_id_2 
_ndb_struct_na_base_pair_step.j_label_seq_id_2 
_ndb_struct_na_base_pair_step.j_symmetry_2 
_ndb_struct_na_base_pair_step.shift 
_ndb_struct_na_base_pair_step.slide 
_ndb_struct_na_base_pair_step.rise 
_ndb_struct_na_base_pair_step.tilt 
_ndb_struct_na_base_pair_step.roll 
_ndb_struct_na_base_pair_step.twist 
_ndb_struct_na_base_pair_step.x_displacement 
_ndb_struct_na_base_pair_step.y_displacement 
_ndb_struct_na_base_pair_step.helical_rise 
_ndb_struct_na_base_pair_step.inclination 
_ndb_struct_na_base_pair_step.tip 
_ndb_struct_na_base_pair_step.helical_twist 
_ndb_struct_na_base_pair_step.step_number 
_ndb_struct_na_base_pair_step.step_name 
_ndb_struct_na_base_pair_step.i_auth_asym_id_1 
_ndb_struct_na_base_pair_step.i_auth_seq_id_1 
_ndb_struct_na_base_pair_step.i_PDB_ins_code_1 
_ndb_struct_na_base_pair_step.j_auth_asym_id_1 
_ndb_struct_na_base_pair_step.j_auth_seq_id_1 
_ndb_struct_na_base_pair_step.j_PDB_ins_code_1 
_ndb_struct_na_base_pair_step.i_auth_asym_id_2 
_ndb_struct_na_base_pair_step.i_auth_seq_id_2 
_ndb_struct_na_base_pair_step.i_PDB_ins_code_2 
_ndb_struct_na_base_pair_step.j_auth_asym_id_2 
_ndb_struct_na_base_pair_step.j_auth_seq_id_2 
_ndb_struct_na_base_pair_step.j_PDB_ins_code_2 
1 A DG 1  1_555 A DC 12 12_565 A DC 2  1_555 A DG 11 12_565 -0.216 -1.282 3.340 -3.342 5.223  28.654 -3.651 -0.287 3.068 10.399 
6.654  29.304 1  AA_DG1DC2:DG11DC12_AA A 1  ? A 12 ? A 2  ? A 11 ? 
1 A DC 2  1_555 A DG 11 12_565 A DG 3  1_555 A DC 10 12_565 0.470  -1.746 2.940 -0.349 2.321  34.621 -3.241 -0.836 2.815 3.895  
0.586  34.698 2  AA_DC2DG3:DC10DG11_AA A 2  ? A 11 ? A 3  ? A 10 ? 
1 A DG 3  1_555 A DC 10 12_565 A DT 4  1_555 A DA 9  12_565 -0.215 -1.595 3.424 2.732  1.327  29.820 -3.366 0.998  3.319 2.570  
-5.292 29.971 3  AA_DG3DT4:DA9DC10_AA  A 3  ? A 10 ? A 4  ? A 9  ? 
1 A DT 4  1_555 A DA 9  12_565 A DA 5  1_555 A DT 8  12_565 -0.180 -1.167 3.083 0.802  7.653  31.066 -3.365 0.458  2.721 14.020 
-1.469 31.982 4  AA_DT4DA5:DT8DA9_AA   A 4  ? A 9  ? A 5  ? A 8  ? 
1 A DA 5  1_555 A DT 8  12_565 A DC 6  1_555 A DG 7  12_565 0.262  -1.075 3.412 2.365  11.429 32.672 -3.554 -0.078 2.896 19.555 
-4.046 34.641 5  AA_DA5DC6:DG7DT8_AA   A 5  ? A 8  ? A 6  ? A 7  ? 
1 A DC 6  1_555 A DG 7  12_565 A DG 7  1_555 A DC 6  12_565 0.000  -2.140 3.541 0.000  24.327 27.902 -6.204 0.000  1.316 41.797 
0.000  36.858 6  AA_DC6DG7:DC6DG7_AA   A 6  ? A 7  ? A 7  ? A 6  ? 
1 A DG 7  1_555 A DC 6  12_565 A DT 8  1_555 A DA 5  12_565 -0.262 -1.075 3.412 -2.365 11.429 32.672 -3.554 0.078  2.896 19.555 
4.046  34.641 7  AA_DG7DT8:DA5DC6_AA   A 7  ? A 6  ? A 8  ? A 5  ? 
1 A DT 8  1_555 A DA 5  12_565 A DA 9  1_555 A DT 4  12_565 0.180  -1.167 3.083 -0.802 7.653  31.066 -3.365 -0.458 2.721 14.020 
1.469  31.982 8  AA_DT8DA9:DT4DA5_AA   A 8  ? A 5  ? A 9  ? A 4  ? 
1 A DA 9  1_555 A DT 4  12_565 A DC 10 1_555 A DG 3  12_565 0.215  -1.595 3.424 -2.732 1.327  29.820 -3.366 -0.998 3.319 2.570  
5.292  29.971 9  AA_DA9DC10:DG3DT4_AA  A 9  ? A 4  ? A 10 ? A 3  ? 
1 A DC 10 1_555 A DG 3  12_565 A DG 11 1_555 A DC 2  12_565 -0.470 -1.746 2.940 0.349  2.321  34.621 -3.241 0.836  2.815 3.895  
-0.586 34.698 10 AA_DC10DG11:DC2DG3_AA A 10 ? A 3  ? A 11 ? A 2  ? 
1 A DG 11 1_555 A DC 2  12_565 A DC 12 1_555 A DG 1  12_565 0.216  -1.282 3.340 3.342  5.223  28.654 -3.651 0.287  3.068 10.399 
-6.654 29.304 11 AA_DG11DC12:DG1DC2_AA A 11 ? A 2  ? A 12 ? A 1  ? 
# 
_pdbx_entity_nonpoly.entity_id   2 
_pdbx_entity_nonpoly.name        water 
_pdbx_entity_nonpoly.comp_id     HOH 
# 
